data_7Y3H
#
_entry.id   7Y3H
#
_cell.length_a   98.467
_cell.length_b   98.467
_cell.length_c   80.612
_cell.angle_alpha   90.000
_cell.angle_beta   90.000
_cell.angle_gamma   120.000
#
_symmetry.space_group_name_H-M   'P 31 2 1'
#
loop_
_entity.id
_entity.type
_entity.pdbx_description
1 polymer ApiI
2 non-polymer S-ADENOSYLMETHIONINE
3 non-polymer 1,2-ETHANEDIOL
4 non-polymer 3-[[(1R,2R,4aS,8aR)-2-methyl-1,2,4a,5,6,7,8,8a-octahydronaphthalen-1-yl]carbonyl]-5-(4-hydroxyphenyl)-4-oxidanyl-1H-pyridin-2-one
5 non-polymer GLYCEROL
6 water water
#
_entity_poly.entity_id   1
_entity_poly.type   'polypeptide(L)'
_entity_poly.pdbx_seq_one_letter_code
;MTSSPATASPAVADQLDSLAALLTSRAQAVRNGAAVPPQQHVQLVKGLKDAAGLVNEAREDLGDLMMSFVQVTALRLLIK
WKVFEAIPLEGTISYADVAARVGIDVNLITRLSWVLVATGVLKQDGSDKIQHTARSRPYASRNPLSAMMIIGFDEYLPAL
LAMPGYFDTYGKKEPFGEKHTVKAFSEGNPELTVNQILASSPERLGNMTLAMAAMENMYPLSGVYDFSWVAAKAASDSNR
PLIVDVGGAKGHTLQAICKDTPALPIERCVLEDLPRVIQVVKDTSDAGAQAPQLLGMDFNQEQPVKGAVVYLIRRCLHDY
SDEQCVRILGHLAAAMAADSVLLIGETVLTNPPSRPTAMMDILLATIGGKERTIDAFGAVVGRAGLRIKGVCKQEGGDFS
YIECVKANNNNNN
;
_entity_poly.pdbx_strand_id   A
#
loop_
_chem_comp.id
_chem_comp.type
_chem_comp.name
_chem_comp.formula
EDO non-polymer 1,2-ETHANEDIOL 'C2 H6 O2'
GOL non-polymer GLYCEROL 'C3 H8 O3'
IAH non-polymer 3-[[(1R,2R,4aS,8aR)-2-methyl-1,2,4a,5,6,7,8,8a-octahydronaphthalen-1-yl]carbonyl]-5-(4-hydroxyphenyl)-4-oxidanyl-1H-pyridin-2-one 'C23 H25 N O4'
SAM non-polymer S-ADENOSYLMETHIONINE 'C15 H22 N6 O5 S'
#
# COMPACT_ATOMS: atom_id res chain seq x y z
N VAL A 12 5.56 -5.64 33.00
CA VAL A 12 6.35 -5.28 31.82
C VAL A 12 7.84 -5.45 32.11
N ALA A 13 8.14 -6.24 33.14
CA ALA A 13 9.53 -6.54 33.44
C ALA A 13 10.11 -7.52 32.43
N ASP A 14 9.36 -8.58 32.10
CA ASP A 14 9.84 -9.61 31.19
C ASP A 14 9.84 -9.17 29.73
N GLN A 15 9.14 -8.08 29.40
CA GLN A 15 9.19 -7.56 28.04
C GLN A 15 10.59 -7.06 27.70
N LEU A 16 11.24 -6.37 28.64
CA LEU A 16 12.60 -5.88 28.42
C LEU A 16 13.61 -7.01 28.26
N ASP A 17 13.30 -8.20 28.79
CA ASP A 17 14.20 -9.35 28.74
C ASP A 17 14.06 -10.15 27.46
N SER A 18 12.82 -10.34 26.98
CA SER A 18 12.64 -10.97 25.68
C SER A 18 13.35 -10.18 24.59
N LEU A 19 13.35 -8.85 24.71
CA LEU A 19 14.04 -8.01 23.74
C LEU A 19 15.55 -8.06 23.94
N ALA A 20 16.01 -8.02 25.21
CA ALA A 20 17.44 -8.10 25.49
C ALA A 20 18.01 -9.47 25.11
N ALA A 21 17.18 -10.52 25.19
CA ALA A 21 17.60 -11.83 24.68
C ALA A 21 17.51 -11.92 23.17
N LEU A 22 16.64 -11.11 22.55
CA LEU A 22 16.57 -11.05 21.09
C LEU A 22 17.66 -10.16 20.51
N LEU A 23 18.12 -9.16 21.27
CA LEU A 23 19.22 -8.32 20.84
C LEU A 23 20.58 -8.97 21.06
N THR A 24 20.62 -10.11 21.75
CA THR A 24 21.85 -10.89 21.84
C THR A 24 21.95 -11.89 20.69
N SER A 25 20.82 -12.49 20.29
CA SER A 25 20.81 -13.34 19.11
C SER A 25 21.25 -12.56 17.87
N ARG A 26 20.61 -11.43 17.62
CA ARG A 26 20.97 -10.58 16.50
C ARG A 26 22.37 -9.98 16.64
N ALA A 27 22.91 -9.96 17.86
CA ALA A 27 24.16 -9.25 18.12
C ALA A 27 25.33 -9.88 17.38
N GLN A 28 25.56 -11.17 17.59
CA GLN A 28 26.74 -11.82 17.02
C GLN A 28 26.46 -12.53 15.72
N ALA A 29 25.18 -12.72 15.34
CA ALA A 29 24.87 -12.95 13.94
C ALA A 29 25.40 -11.84 13.05
N VAL A 30 25.59 -10.64 13.62
CA VAL A 30 26.27 -9.55 12.92
C VAL A 30 27.78 -9.77 12.93
N ARG A 31 28.34 -10.13 14.10
CA ARG A 31 29.77 -10.40 14.19
C ARG A 31 30.16 -11.61 13.35
N ASN A 32 29.24 -12.54 13.16
CA ASN A 32 29.51 -13.72 12.34
C ASN A 32 29.26 -13.47 10.86
N GLY A 33 28.31 -12.60 10.53
CA GLY A 33 27.94 -12.36 9.15
C GLY A 33 26.89 -13.28 8.59
N ALA A 34 26.30 -14.14 9.42
CA ALA A 34 25.33 -15.14 8.98
C ALA A 34 23.92 -14.59 9.10
N ALA A 35 23.16 -14.65 8.01
CA ALA A 35 21.80 -14.14 8.00
C ALA A 35 20.91 -14.93 8.97
N VAL A 36 19.86 -14.28 9.44
CA VAL A 36 18.98 -14.84 10.47
C VAL A 36 17.54 -14.76 9.96
N PRO A 37 16.63 -15.56 10.55
CA PRO A 37 15.29 -15.78 9.91
C PRO A 37 14.61 -14.49 9.53
N PRO A 38 13.80 -14.51 8.45
CA PRO A 38 13.13 -13.29 8.01
C PRO A 38 12.19 -12.70 9.05
N GLN A 39 11.49 -13.55 9.80
CA GLN A 39 10.53 -13.08 10.80
C GLN A 39 11.10 -13.08 12.21
N GLN A 40 12.41 -13.25 12.37
CA GLN A 40 13.07 -12.84 13.61
C GLN A 40 13.59 -11.41 13.55
N HIS A 41 13.76 -10.86 12.35
CA HIS A 41 14.02 -9.43 12.20
C HIS A 41 12.76 -8.63 12.49
N VAL A 42 11.59 -9.14 12.10
CA VAL A 42 10.35 -8.38 12.27
C VAL A 42 9.90 -8.37 13.72
N GLN A 43 10.19 -9.42 14.49
CA GLN A 43 9.84 -9.39 15.91
C GLN A 43 10.80 -8.49 16.68
N LEU A 44 12.07 -8.48 16.30
CA LEU A 44 13.02 -7.56 16.91
C LEU A 44 12.65 -6.11 16.59
N VAL A 45 12.22 -5.85 15.35
CA VAL A 45 11.77 -4.52 14.98
C VAL A 45 10.56 -4.11 15.82
N LYS A 46 9.62 -5.04 16.05
CA LYS A 46 8.44 -4.74 16.84
C LYS A 46 8.81 -4.52 18.31
N GLY A 47 9.74 -5.31 18.83
CA GLY A 47 10.11 -5.18 20.23
C GLY A 47 10.75 -3.84 20.54
N LEU A 48 11.66 -3.39 19.67
CA LEU A 48 12.31 -2.09 19.88
C LEU A 48 11.30 -0.95 19.91
N LYS A 49 10.30 -0.97 19.02
CA LYS A 49 9.23 0.01 19.07
C LYS A 49 8.51 -0.04 20.40
N ASP A 50 8.06 -1.22 20.81
CA ASP A 50 7.27 -1.36 22.02
C ASP A 50 8.06 -0.96 23.25
N ALA A 51 9.32 -1.40 23.33
CA ALA A 51 10.19 -1.01 24.44
C ALA A 51 10.36 0.51 24.48
N ALA A 52 10.65 1.12 23.31
CA ALA A 52 10.67 2.57 23.22
C ALA A 52 9.39 3.17 23.77
N GLY A 53 8.25 2.52 23.51
CA GLY A 53 7.00 2.98 24.09
C GLY A 53 7.01 2.94 25.60
N LEU A 54 7.44 1.81 26.17
CA LEU A 54 7.43 1.65 27.63
C LEU A 54 8.36 2.65 28.30
N VAL A 55 9.63 2.69 27.89
CA VAL A 55 10.61 3.49 28.61
C VAL A 55 10.33 4.98 28.45
N ASN A 56 9.72 5.38 27.34
CA ASN A 56 9.58 6.80 27.06
C ASN A 56 8.37 7.40 27.77
N GLU A 57 8.48 8.69 28.06
CA GLU A 57 7.38 9.46 28.60
C GLU A 57 7.05 10.56 27.60
N ALA A 58 5.93 11.26 27.84
CA ALA A 58 5.33 12.14 26.84
C ALA A 58 6.32 13.15 26.29
N ARG A 59 7.21 13.67 27.14
CA ARG A 59 8.19 14.64 26.69
C ARG A 59 9.09 14.04 25.61
N GLU A 60 9.56 12.82 25.81
CA GLU A 60 10.42 12.23 24.80
C GLU A 60 9.63 11.82 23.57
N ASP A 61 8.37 11.45 23.74
CA ASP A 61 7.49 11.19 22.61
C ASP A 61 7.43 12.40 21.69
N LEU A 62 7.16 13.59 22.25
CA LEU A 62 7.08 14.79 21.42
C LEU A 62 8.41 15.09 20.73
N GLY A 63 9.53 14.92 21.44
CA GLY A 63 10.83 15.15 20.83
C GLY A 63 11.11 14.16 19.71
N ASP A 64 10.81 12.89 19.94
CA ASP A 64 10.95 11.87 18.89
C ASP A 64 10.05 12.18 17.70
N LEU A 65 8.81 12.58 17.94
CA LEU A 65 7.92 12.92 16.83
C LEU A 65 8.49 14.10 16.05
N MET A 66 8.86 15.18 16.76
CA MET A 66 9.37 16.35 16.04
C MET A 66 10.63 16.03 15.27
N MET A 67 11.47 15.14 15.81
CA MET A 67 12.68 14.72 15.10
C MET A 67 12.32 13.98 13.80
N SER A 68 11.26 13.18 13.83
CA SER A 68 10.80 12.49 12.62
C SER A 68 10.37 13.48 11.55
N PHE A 69 9.67 14.55 11.93
CA PHE A 69 9.27 15.54 10.94
C PHE A 69 10.48 16.26 10.33
N VAL A 70 11.47 16.62 11.15
CA VAL A 70 12.67 17.27 10.60
C VAL A 70 13.43 16.29 9.72
N GLN A 71 13.55 15.04 10.16
CA GLN A 71 14.23 14.03 9.36
C GLN A 71 13.59 13.88 7.97
N VAL A 72 12.26 13.76 7.92
CA VAL A 72 11.61 13.58 6.61
C VAL A 72 11.78 14.83 5.75
N THR A 73 11.81 16.02 6.38
CA THR A 73 11.99 17.25 5.62
C THR A 73 13.38 17.30 5.01
N ALA A 74 14.41 16.91 5.77
CA ALA A 74 15.77 16.82 5.23
C ALA A 74 15.85 15.79 4.11
N LEU A 75 15.20 14.65 4.29
CA LEU A 75 15.18 13.64 3.23
C LEU A 75 14.57 14.22 1.97
N ARG A 76 13.42 14.88 2.10
CA ARG A 76 12.71 15.38 0.93
C ARG A 76 13.53 16.40 0.17
N LEU A 77 14.17 17.32 0.89
CA LEU A 77 14.95 18.38 0.27
C LEU A 77 16.21 17.83 -0.41
N LEU A 78 16.91 16.92 0.26
CA LEU A 78 18.16 16.42 -0.31
C LEU A 78 17.89 15.52 -1.51
N ILE A 79 16.72 14.87 -1.55
CA ILE A 79 16.27 14.19 -2.76
C ILE A 79 16.01 15.21 -3.86
N LYS A 80 15.17 16.20 -3.54
CA LYS A 80 14.80 17.22 -4.52
C LYS A 80 16.01 17.93 -5.09
N TRP A 81 17.00 18.24 -4.25
CA TRP A 81 18.18 18.99 -4.66
C TRP A 81 19.26 18.11 -5.30
N LYS A 82 19.02 16.80 -5.43
CA LYS A 82 19.96 15.86 -6.04
C LYS A 82 21.21 15.69 -5.19
N VAL A 83 21.11 15.93 -3.89
CA VAL A 83 22.26 15.80 -3.02
C VAL A 83 22.63 14.33 -2.83
N PHE A 84 21.63 13.46 -2.65
CA PHE A 84 21.92 12.04 -2.55
C PHE A 84 22.61 11.53 -3.83
N GLU A 85 22.18 12.02 -4.99
CA GLU A 85 22.86 11.69 -6.26
C GLU A 85 24.32 12.14 -6.25
N ALA A 86 24.59 13.27 -5.62
CA ALA A 86 25.94 13.83 -5.65
C ALA A 86 26.88 13.13 -4.69
N ILE A 87 26.36 12.39 -3.71
CA ILE A 87 27.19 11.63 -2.78
C ILE A 87 27.46 10.26 -3.42
N PRO A 88 28.71 9.89 -3.62
CA PRO A 88 28.99 8.59 -4.25
C PRO A 88 28.48 7.46 -3.36
N LEU A 89 28.04 6.37 -4.01
CA LEU A 89 27.47 5.27 -3.24
C LEU A 89 28.49 4.66 -2.28
N GLU A 90 29.79 4.74 -2.61
CA GLU A 90 30.83 4.32 -1.70
C GLU A 90 31.87 5.43 -1.58
N GLY A 91 32.60 5.40 -0.47
CA GLY A 91 33.60 6.43 -0.17
C GLY A 91 32.96 7.72 0.30
N THR A 92 33.81 8.73 0.48
CA THR A 92 33.39 9.98 1.10
C THR A 92 33.57 11.15 0.14
N ILE A 93 32.82 12.22 0.40
CA ILE A 93 32.95 13.47 -0.32
C ILE A 93 32.73 14.60 0.68
N SER A 94 33.46 15.70 0.49
CA SER A 94 33.34 16.83 1.40
C SER A 94 32.00 17.54 1.21
N TYR A 95 31.52 18.20 2.27
CA TYR A 95 30.32 19.03 2.15
C TYR A 95 30.53 20.11 1.10
N ALA A 96 31.74 20.70 1.06
CA ALA A 96 32.03 21.70 0.04
C ALA A 96 31.88 21.13 -1.37
N ASP A 97 32.41 19.94 -1.62
CA ASP A 97 32.34 19.38 -2.96
C ASP A 97 30.89 19.05 -3.34
N VAL A 98 30.12 18.49 -2.40
CA VAL A 98 28.70 18.26 -2.65
C VAL A 98 28.01 19.57 -3.03
N ALA A 99 28.24 20.61 -2.24
CA ALA A 99 27.56 21.88 -2.45
C ALA A 99 27.91 22.50 -3.79
N ALA A 100 29.19 22.42 -4.19
CA ALA A 100 29.57 22.86 -5.51
C ALA A 100 28.90 22.05 -6.59
N ARG A 101 28.77 20.74 -6.39
CA ARG A 101 28.15 19.89 -7.42
C ARG A 101 26.69 20.27 -7.66
N VAL A 102 25.92 20.49 -6.59
CA VAL A 102 24.50 20.81 -6.72
C VAL A 102 24.23 22.30 -6.75
N GLY A 103 25.25 23.15 -6.63
CA GLY A 103 25.09 24.59 -6.74
C GLY A 103 24.28 25.21 -5.61
N ILE A 104 24.51 24.78 -4.37
CA ILE A 104 23.71 25.20 -3.23
C ILE A 104 24.63 25.56 -2.06
N ASP A 105 24.29 26.65 -1.38
CA ASP A 105 24.86 27.08 -0.10
C ASP A 105 25.35 25.92 0.77
N VAL A 106 26.68 25.81 0.95
CA VAL A 106 27.25 24.70 1.72
C VAL A 106 26.74 24.72 3.17
N ASN A 107 26.42 25.89 3.71
CA ASN A 107 25.89 25.95 5.06
C ASN A 107 24.55 25.24 5.16
N LEU A 108 23.68 25.46 4.19
CA LEU A 108 22.36 24.82 4.20
C LEU A 108 22.48 23.32 3.96
N ILE A 109 23.33 22.92 3.01
CA ILE A 109 23.60 21.49 2.81
C ILE A 109 24.08 20.86 4.10
N THR A 110 24.99 21.52 4.81
CA THR A 110 25.57 20.93 6.03
C THR A 110 24.50 20.77 7.12
N ARG A 111 23.71 21.82 7.36
CA ARG A 111 22.71 21.74 8.43
C ARG A 111 21.69 20.62 8.16
N LEU A 112 21.26 20.45 6.91
CA LEU A 112 20.26 19.41 6.64
C LEU A 112 20.90 18.04 6.67
N SER A 113 22.15 17.94 6.21
CA SER A 113 22.88 16.66 6.26
C SER A 113 23.08 16.23 7.70
N TRP A 114 23.35 17.18 8.59
CA TRP A 114 23.57 16.88 10.01
C TRP A 114 22.36 16.23 10.63
N VAL A 115 21.15 16.61 10.21
CA VAL A 115 19.95 15.91 10.67
C VAL A 115 20.04 14.42 10.34
N LEU A 116 20.44 14.11 9.11
CA LEU A 116 20.53 12.72 8.70
C LEU A 116 21.75 12.03 9.30
N VAL A 117 22.84 12.76 9.55
CA VAL A 117 23.97 12.19 10.30
C VAL A 117 23.50 11.82 11.70
N ALA A 118 22.76 12.72 12.36
CA ALA A 118 22.38 12.48 13.75
C ALA A 118 21.43 11.29 13.87
N THR A 119 20.57 11.06 12.89
CA THR A 119 19.67 9.91 12.96
C THR A 119 20.27 8.66 12.34
N GLY A 120 21.43 8.77 11.70
CA GLY A 120 22.11 7.62 11.15
C GLY A 120 21.73 7.27 9.73
N VAL A 121 21.03 8.15 9.02
CA VAL A 121 20.72 7.93 7.61
C VAL A 121 21.95 8.20 6.75
N LEU A 122 22.69 9.24 7.09
CA LEU A 122 24.01 9.47 6.51
C LEU A 122 25.06 9.27 7.59
N LYS A 123 26.31 9.23 7.15
CA LYS A 123 27.44 9.10 8.06
C LYS A 123 28.45 10.20 7.74
N GLN A 124 28.94 10.88 8.77
CA GLN A 124 29.96 11.90 8.62
C GLN A 124 31.33 11.30 8.93
N ASP A 125 32.32 11.67 8.11
CA ASP A 125 33.71 11.22 8.29
C ASP A 125 34.55 12.43 8.64
N GLY A 126 35.20 12.39 9.81
CA GLY A 126 35.95 13.56 10.20
C GLY A 126 35.03 14.74 10.45
N SER A 127 35.55 15.94 10.19
CA SER A 127 34.81 17.17 10.44
C SER A 127 34.03 17.67 9.23
N ASP A 128 34.24 17.09 8.05
CA ASP A 128 33.77 17.77 6.85
C ASP A 128 33.37 16.86 5.69
N LYS A 129 33.30 15.55 5.87
CA LYS A 129 32.99 14.63 4.79
C LYS A 129 31.73 13.82 5.12
N ILE A 130 30.98 13.49 4.07
CA ILE A 130 29.71 12.80 4.18
C ILE A 130 29.77 11.54 3.32
N GLN A 131 28.96 10.54 3.67
CA GLN A 131 28.93 9.29 2.92
C GLN A 131 27.58 8.61 3.11
N HIS A 132 27.21 7.79 2.13
CA HIS A 132 25.96 7.03 2.16
C HIS A 132 26.03 5.90 3.17
N THR A 133 24.87 5.51 3.68
CA THR A 133 24.70 4.25 4.38
C THR A 133 23.72 3.41 3.58
N ALA A 134 23.50 2.18 4.04
CA ALA A 134 22.45 1.36 3.42
C ALA A 134 21.11 2.07 3.46
N ARG A 135 20.87 2.88 4.49
CA ARG A 135 19.56 3.52 4.66
C ARG A 135 19.35 4.68 3.70
N SER A 136 20.42 5.25 3.14
CA SER A 136 20.29 6.43 2.29
C SER A 136 20.50 6.13 0.82
N ARG A 137 21.20 5.05 0.49
CA ARG A 137 21.44 4.72 -0.92
C ARG A 137 20.17 4.64 -1.77
N PRO A 138 19.03 4.13 -1.30
CA PRO A 138 17.84 4.14 -2.17
C PRO A 138 17.44 5.53 -2.63
N TYR A 139 17.82 6.58 -1.90
CA TYR A 139 17.39 7.92 -2.26
C TYR A 139 18.28 8.57 -3.31
N ALA A 140 19.31 7.88 -3.77
CA ALA A 140 20.20 8.42 -4.79
C ALA A 140 19.70 8.21 -6.21
N SER A 141 18.52 7.60 -6.40
CA SER A 141 17.97 7.38 -7.74
C SER A 141 16.45 7.34 -7.67
N ARG A 142 15.84 7.31 -8.85
CA ARG A 142 14.39 7.17 -8.95
C ARG A 142 14.02 5.68 -8.89
N ASN A 143 13.19 5.32 -7.93
CA ASN A 143 12.79 3.94 -7.69
C ASN A 143 11.55 3.96 -6.80
N PRO A 144 10.92 2.80 -6.55
CA PRO A 144 9.69 2.82 -5.74
C PRO A 144 9.88 3.37 -4.32
N LEU A 145 11.02 3.14 -3.69
CA LEU A 145 11.24 3.67 -2.35
C LEU A 145 11.31 5.19 -2.34
N SER A 146 12.12 5.78 -3.22
CA SER A 146 12.23 7.23 -3.22
C SER A 146 10.94 7.88 -3.69
N ALA A 147 10.21 7.21 -4.59
CA ALA A 147 8.88 7.68 -4.95
C ALA A 147 7.95 7.67 -3.74
N MET A 148 8.04 6.63 -2.90
CA MET A 148 7.18 6.56 -1.72
C MET A 148 7.52 7.67 -0.74
N MET A 149 8.83 7.94 -0.57
CA MET A 149 9.26 9.08 0.23
C MET A 149 8.59 10.36 -0.27
N ILE A 150 8.69 10.64 -1.57
CA ILE A 150 8.17 11.88 -2.14
C ILE A 150 6.66 11.96 -1.98
N ILE A 151 5.96 10.86 -2.25
CA ILE A 151 4.51 10.86 -2.18
C ILE A 151 4.04 11.08 -0.74
N GLY A 152 4.64 10.37 0.21
CA GLY A 152 4.27 10.56 1.59
C GLY A 152 4.34 12.02 1.99
N PHE A 153 5.41 12.70 1.57
CA PHE A 153 5.65 14.08 1.96
C PHE A 153 4.76 15.06 1.19
N ASP A 154 4.65 14.87 -0.12
CA ASP A 154 3.97 15.84 -0.97
C ASP A 154 2.45 15.65 -0.96
N GLU A 155 1.97 14.43 -0.78
CA GLU A 155 0.55 14.15 -0.87
C GLU A 155 -0.10 13.98 0.51
N TYR A 156 0.39 13.03 1.29
CA TYR A 156 -0.30 12.64 2.51
C TYR A 156 -0.01 13.58 3.68
N LEU A 157 1.22 14.07 3.82
CA LEU A 157 1.49 14.95 4.96
C LEU A 157 0.63 16.19 4.95
N PRO A 158 0.44 16.91 3.82
CA PRO A 158 -0.43 18.09 3.89
C PRO A 158 -1.86 17.75 4.28
N ALA A 159 -2.36 16.59 3.86
CA ALA A 159 -3.72 16.20 4.20
C ALA A 159 -3.85 15.94 5.69
N LEU A 160 -2.84 15.28 6.29
CA LEU A 160 -2.87 15.03 7.72
C LEU A 160 -2.83 16.32 8.50
N LEU A 161 -1.93 17.24 8.09
CA LEU A 161 -1.83 18.53 8.74
C LEU A 161 -3.15 19.31 8.67
N ALA A 162 -3.89 19.17 7.59
CA ALA A 162 -5.13 19.90 7.36
C ALA A 162 -6.33 19.29 8.08
N MET A 163 -6.18 18.17 8.79
CA MET A 163 -7.34 17.47 9.34
C MET A 163 -8.04 18.25 10.46
N PRO A 164 -7.33 18.91 11.39
CA PRO A 164 -8.06 19.70 12.39
C PRO A 164 -8.99 20.73 11.77
N GLY A 165 -8.49 21.50 10.80
CA GLY A 165 -9.36 22.43 10.09
C GLY A 165 -10.39 21.74 9.23
N TYR A 166 -10.04 20.58 8.64
CA TYR A 166 -11.02 19.86 7.85
C TYR A 166 -12.23 19.45 8.68
N PHE A 167 -12.00 18.88 9.87
CA PHE A 167 -13.15 18.39 10.64
C PHE A 167 -13.93 19.52 11.29
N ASP A 168 -13.30 20.69 11.53
CA ASP A 168 -14.07 21.87 11.89
C ASP A 168 -14.93 22.33 10.73
N THR A 169 -14.44 22.19 9.51
CA THR A 169 -15.14 22.69 8.34
C THR A 169 -16.27 21.77 7.91
N TYR A 170 -16.05 20.45 7.94
CA TYR A 170 -17.00 19.49 7.39
C TYR A 170 -17.73 18.68 8.46
N GLY A 171 -17.41 18.90 9.72
CA GLY A 171 -18.04 18.10 10.75
C GLY A 171 -17.18 16.91 11.14
N LYS A 172 -17.26 16.55 12.41
CA LYS A 172 -16.36 15.56 12.99
C LYS A 172 -16.97 14.17 12.80
N LYS A 173 -16.84 13.66 11.58
CA LYS A 173 -17.39 12.36 11.21
C LYS A 173 -16.45 11.73 10.19
N GLU A 174 -16.47 10.40 10.10
CA GLU A 174 -15.65 9.71 9.11
C GLU A 174 -15.86 10.34 7.74
N PRO A 175 -14.79 10.72 7.03
CA PRO A 175 -14.98 11.34 5.72
C PRO A 175 -15.11 10.30 4.62
N PHE A 176 -16.15 10.46 3.79
CA PHE A 176 -16.41 9.60 2.64
C PHE A 176 -16.89 10.48 1.49
N GLY A 177 -16.74 9.97 0.27
CA GLY A 177 -17.22 10.70 -0.88
C GLY A 177 -16.07 11.08 -1.80
N GLU A 178 -16.38 11.16 -3.09
CA GLU A 178 -15.37 11.39 -4.11
C GLU A 178 -14.86 12.82 -4.09
N LYS A 179 -15.73 13.77 -3.82
CA LYS A 179 -15.35 15.18 -3.70
C LYS A 179 -15.32 15.58 -2.24
N HIS A 180 -14.67 16.71 -1.98
CA HIS A 180 -14.47 17.25 -0.63
C HIS A 180 -13.68 16.28 0.25
N THR A 181 -12.71 15.56 -0.33
CA THR A 181 -11.78 14.76 0.45
C THR A 181 -10.88 15.66 1.29
N VAL A 182 -10.31 15.09 2.35
CA VAL A 182 -9.31 15.83 3.10
C VAL A 182 -8.19 16.27 2.17
N LYS A 183 -7.78 15.38 1.26
CA LYS A 183 -6.70 15.71 0.33
C LYS A 183 -7.05 16.93 -0.51
N ALA A 184 -8.23 16.91 -1.15
CA ALA A 184 -8.62 18.03 -2.01
C ALA A 184 -8.79 19.31 -1.20
N PHE A 185 -9.33 19.21 0.01
CA PHE A 185 -9.40 20.35 0.90
C PHE A 185 -8.01 20.92 1.20
N SER A 186 -7.04 20.04 1.52
CA SER A 186 -5.70 20.50 1.81
C SER A 186 -5.01 21.11 0.59
N GLU A 187 -5.45 20.74 -0.60
CA GLU A 187 -4.91 21.27 -1.86
C GLU A 187 -5.49 22.64 -2.21
N GLY A 188 -6.57 23.07 -1.57
CA GLY A 188 -7.23 24.31 -1.90
C GLY A 188 -8.38 24.19 -2.86
N ASN A 189 -8.68 23.00 -3.37
CA ASN A 189 -9.77 22.78 -4.32
C ASN A 189 -10.63 21.61 -3.88
N PRO A 190 -11.50 21.80 -2.89
CA PRO A 190 -12.30 20.66 -2.39
C PRO A 190 -13.30 20.10 -3.39
N GLU A 191 -13.57 20.80 -4.49
CA GLU A 191 -14.51 20.29 -5.49
C GLU A 191 -13.88 19.29 -6.44
N LEU A 192 -12.56 19.20 -6.52
CA LEU A 192 -11.90 18.23 -7.38
C LEU A 192 -11.78 16.88 -6.69
N THR A 193 -11.81 15.82 -7.49
CA THR A 193 -11.52 14.47 -7.02
C THR A 193 -10.01 14.24 -6.94
N VAL A 194 -9.63 13.22 -6.18
CA VAL A 194 -8.22 12.86 -6.04
C VAL A 194 -7.61 12.49 -7.40
N ASN A 195 -8.40 11.87 -8.28
CA ASN A 195 -7.91 11.55 -9.61
C ASN A 195 -7.60 12.82 -10.39
N GLN A 196 -8.56 13.75 -10.43
CA GLN A 196 -8.35 15.03 -11.12
C GLN A 196 -7.14 15.77 -10.57
N ILE A 197 -6.86 15.63 -9.28
CA ILE A 197 -5.78 16.39 -8.66
C ILE A 197 -4.43 15.76 -8.99
N LEU A 198 -4.33 14.43 -8.91
CA LEU A 198 -3.08 13.76 -9.28
C LEU A 198 -2.83 13.81 -10.79
N ALA A 199 -3.88 14.01 -11.58
CA ALA A 199 -3.72 14.25 -13.02
C ALA A 199 -3.33 15.67 -13.35
N SER A 200 -3.34 16.58 -12.37
CA SER A 200 -3.00 17.98 -12.61
C SER A 200 -1.59 18.14 -13.18
N SER A 201 -0.73 17.15 -13.00
CA SER A 201 0.63 17.17 -13.47
C SER A 201 1.07 15.74 -13.69
N PRO A 202 1.27 15.30 -14.95
CA PRO A 202 1.66 13.90 -15.19
C PRO A 202 2.92 13.47 -14.47
N GLU A 203 3.70 14.41 -13.92
CA GLU A 203 4.85 14.02 -13.10
C GLU A 203 4.38 13.51 -11.75
N ARG A 204 3.38 14.17 -11.15
CA ARG A 204 2.82 13.68 -9.89
C ARG A 204 2.13 12.34 -10.10
N LEU A 205 1.42 12.17 -11.21
CA LEU A 205 0.85 10.87 -11.53
C LEU A 205 1.93 9.81 -11.66
N GLY A 206 3.07 10.19 -12.26
CA GLY A 206 4.13 9.22 -12.48
C GLY A 206 4.78 8.77 -11.20
N ASN A 207 4.93 9.68 -10.24
CA ASN A 207 5.50 9.27 -8.96
C ASN A 207 4.59 8.30 -8.23
N MET A 208 3.27 8.58 -8.21
CA MET A 208 2.35 7.67 -7.54
C MET A 208 2.34 6.30 -8.19
N THR A 209 2.39 6.25 -9.53
CA THR A 209 2.43 4.96 -10.21
C THR A 209 3.68 4.19 -9.82
N LEU A 210 4.85 4.84 -9.90
CA LEU A 210 6.08 4.17 -9.50
C LEU A 210 6.05 3.74 -8.03
N ALA A 211 5.56 4.63 -7.15
CA ALA A 211 5.52 4.31 -5.73
C ALA A 211 4.64 3.09 -5.47
N MET A 212 3.47 3.02 -6.13
CA MET A 212 2.58 1.90 -5.94
C MET A 212 3.13 0.60 -6.51
N ALA A 213 4.18 0.67 -7.35
CA ALA A 213 4.82 -0.56 -7.81
C ALA A 213 5.40 -1.36 -6.65
N ALA A 214 5.70 -0.69 -5.52
CA ALA A 214 6.25 -1.39 -4.37
C ALA A 214 5.27 -2.43 -3.81
N MET A 215 3.97 -2.20 -3.94
CA MET A 215 2.95 -3.16 -3.52
C MET A 215 2.38 -3.96 -4.67
N GLU A 216 3.06 -3.96 -5.81
CA GLU A 216 2.57 -4.70 -6.99
C GLU A 216 2.50 -6.20 -6.70
N ASN A 217 3.58 -6.76 -6.18
CA ASN A 217 3.63 -8.21 -5.96
C ASN A 217 2.81 -8.62 -4.75
N MET A 218 2.74 -7.76 -3.73
CA MET A 218 1.81 -7.87 -2.61
C MET A 218 1.63 -9.31 -2.13
N TYR A 219 0.42 -9.84 -2.22
CA TYR A 219 0.12 -11.18 -1.74
C TYR A 219 -0.57 -11.98 -2.83
N PRO A 220 0.15 -12.89 -3.49
CA PRO A 220 -0.42 -13.60 -4.63
C PRO A 220 -1.64 -14.42 -4.24
N LEU A 221 -2.71 -14.26 -5.00
CA LEU A 221 -3.87 -15.12 -4.83
C LEU A 221 -3.55 -16.55 -5.23
N SER A 222 -2.57 -16.74 -6.12
CA SER A 222 -2.27 -18.07 -6.65
C SER A 222 -1.88 -19.05 -5.56
N GLY A 223 -0.92 -18.66 -4.71
CA GLY A 223 -0.45 -19.58 -3.68
C GLY A 223 -1.40 -19.78 -2.52
N VAL A 224 -2.29 -18.81 -2.28
CA VAL A 224 -3.10 -18.85 -1.07
C VAL A 224 -4.38 -19.65 -1.25
N TYR A 225 -4.88 -19.75 -2.48
CA TYR A 225 -6.21 -20.25 -2.74
C TYR A 225 -6.16 -21.34 -3.81
N ASP A 226 -7.00 -22.36 -3.66
CA ASP A 226 -6.76 -23.65 -4.29
C ASP A 226 -7.15 -23.67 -5.77
N PHE A 227 -8.34 -23.17 -6.09
CA PHE A 227 -8.78 -22.93 -7.47
C PHE A 227 -9.02 -24.19 -8.30
N SER A 228 -8.51 -25.34 -7.87
CA SER A 228 -8.79 -26.55 -8.66
C SER A 228 -10.28 -26.87 -8.70
N TRP A 229 -11.04 -26.46 -7.68
CA TRP A 229 -12.48 -26.63 -7.75
C TRP A 229 -13.08 -25.81 -8.88
N VAL A 230 -12.43 -24.70 -9.25
CA VAL A 230 -12.86 -23.94 -10.40
C VAL A 230 -12.56 -24.69 -11.69
N ALA A 231 -11.39 -25.33 -11.75
CA ALA A 231 -11.06 -26.18 -12.90
C ALA A 231 -12.11 -27.26 -13.09
N ALA A 232 -12.53 -27.92 -11.98
CA ALA A 232 -13.62 -28.88 -12.06
C ALA A 232 -14.85 -28.25 -12.70
N LYS A 233 -15.25 -27.06 -12.23
CA LYS A 233 -16.33 -26.33 -12.88
C LYS A 233 -15.95 -25.96 -14.31
N ALA A 234 -14.67 -25.64 -14.53
CA ALA A 234 -14.21 -25.35 -15.88
C ALA A 234 -14.31 -26.58 -16.77
N ALA A 235 -14.01 -27.76 -16.23
CA ALA A 235 -14.22 -28.99 -16.98
C ALA A 235 -15.69 -29.36 -17.05
N SER A 236 -16.36 -29.40 -15.88
CA SER A 236 -17.78 -29.77 -15.82
C SER A 236 -18.66 -28.80 -16.61
N ASP A 237 -18.20 -27.57 -16.80
CA ASP A 237 -18.84 -26.62 -17.69
C ASP A 237 -17.72 -25.83 -18.35
N SER A 238 -17.43 -26.15 -19.61
CA SER A 238 -16.43 -25.47 -20.42
C SER A 238 -17.00 -24.27 -21.18
N ASN A 239 -18.27 -23.92 -20.94
CA ASN A 239 -18.95 -22.78 -21.53
C ASN A 239 -19.16 -21.65 -20.51
N ARG A 240 -18.51 -21.74 -19.35
CA ARG A 240 -18.98 -20.85 -18.29
C ARG A 240 -17.91 -19.83 -17.92
N PRO A 241 -18.27 -18.57 -17.68
CA PRO A 241 -17.27 -17.60 -17.23
C PRO A 241 -16.60 -18.10 -15.95
N LEU A 242 -15.27 -18.14 -15.96
CA LEU A 242 -14.58 -18.68 -14.81
C LEU A 242 -14.34 -17.60 -13.76
N ILE A 243 -13.28 -16.79 -13.91
CA ILE A 243 -12.91 -15.81 -12.90
C ILE A 243 -13.06 -14.40 -13.47
N VAL A 244 -13.85 -13.58 -12.79
CA VAL A 244 -14.06 -12.18 -13.12
C VAL A 244 -13.29 -11.33 -12.09
N ASP A 245 -12.30 -10.57 -12.56
CA ASP A 245 -11.51 -9.69 -11.68
C ASP A 245 -12.14 -8.30 -11.74
N VAL A 246 -12.93 -7.98 -10.71
CA VAL A 246 -13.72 -6.77 -10.68
C VAL A 246 -12.83 -5.63 -10.20
N GLY A 247 -12.58 -4.66 -11.07
CA GLY A 247 -11.60 -3.62 -10.77
C GLY A 247 -10.18 -4.15 -10.70
N GLY A 248 -9.81 -5.02 -11.62
CA GLY A 248 -8.54 -5.72 -11.56
C GLY A 248 -7.35 -5.01 -12.17
N ALA A 249 -7.53 -3.78 -12.66
CA ALA A 249 -6.45 -2.93 -13.13
C ALA A 249 -5.77 -3.50 -14.37
N LYS A 250 -4.62 -4.13 -14.20
CA LYS A 250 -3.87 -4.66 -15.33
C LYS A 250 -4.12 -6.14 -15.58
N GLY A 251 -4.76 -6.83 -14.63
CA GLY A 251 -4.96 -8.25 -14.79
C GLY A 251 -3.76 -9.09 -14.48
N HIS A 252 -2.81 -8.58 -13.70
CA HIS A 252 -1.67 -9.41 -13.32
C HIS A 252 -2.08 -10.48 -12.32
N THR A 253 -3.02 -10.18 -11.43
CA THR A 253 -3.56 -11.21 -10.54
C THR A 253 -4.14 -12.36 -11.36
N LEU A 254 -4.99 -12.03 -12.33
CA LEU A 254 -5.64 -13.05 -13.14
C LEU A 254 -4.64 -13.92 -13.88
N GLN A 255 -3.62 -13.30 -14.48
CA GLN A 255 -2.65 -14.10 -15.24
C GLN A 255 -1.86 -15.02 -14.31
N ALA A 256 -1.42 -14.49 -13.17
CA ALA A 256 -0.65 -15.30 -12.22
C ALA A 256 -1.41 -16.55 -11.81
N ILE A 257 -2.75 -16.50 -11.83
CA ILE A 257 -3.56 -17.64 -11.39
C ILE A 257 -3.58 -18.73 -12.45
N CYS A 258 -3.72 -18.36 -13.72
CA CYS A 258 -4.18 -19.32 -14.72
C CYS A 258 -3.11 -20.27 -15.22
N LYS A 259 -1.83 -19.88 -15.15
CA LYS A 259 -0.75 -20.85 -15.38
C LYS A 259 -0.78 -21.95 -14.33
N ASP A 260 -1.26 -21.62 -13.12
CA ASP A 260 -1.32 -22.56 -12.02
C ASP A 260 -2.40 -23.61 -12.25
N THR A 261 -3.54 -23.20 -12.83
CA THR A 261 -4.75 -23.98 -12.86
C THR A 261 -4.89 -24.71 -14.20
N PRO A 262 -4.54 -26.01 -14.29
CA PRO A 262 -4.49 -26.69 -15.58
C PRO A 262 -5.74 -26.49 -16.45
N ALA A 263 -6.91 -26.89 -15.95
CA ALA A 263 -8.12 -26.89 -16.77
C ALA A 263 -8.82 -25.54 -16.78
N LEU A 264 -8.13 -24.49 -16.34
CA LEU A 264 -8.67 -23.13 -16.25
C LEU A 264 -7.73 -22.15 -16.94
N PRO A 265 -8.07 -21.64 -18.10
CA PRO A 265 -7.14 -20.81 -18.87
C PRO A 265 -7.46 -19.32 -18.84
N ILE A 266 -6.41 -18.49 -18.93
CA ILE A 266 -6.57 -17.02 -18.87
C ILE A 266 -7.66 -16.55 -19.85
N GLU A 267 -7.82 -17.23 -20.99
CA GLU A 267 -8.81 -16.85 -21.99
C GLU A 267 -10.25 -17.02 -21.53
N ARG A 268 -10.50 -17.79 -20.47
CA ARG A 268 -11.85 -18.00 -19.97
C ARG A 268 -12.20 -17.05 -18.83
N CYS A 269 -11.34 -16.08 -18.55
CA CYS A 269 -11.54 -15.14 -17.45
C CYS A 269 -11.86 -13.76 -18.02
N VAL A 270 -12.25 -12.84 -17.13
CA VAL A 270 -12.72 -11.52 -17.53
C VAL A 270 -12.07 -10.49 -16.61
N LEU A 271 -11.27 -9.60 -17.20
CA LEU A 271 -10.72 -8.45 -16.49
C LEU A 271 -11.68 -7.27 -16.67
N GLU A 272 -12.18 -6.74 -15.56
CA GLU A 272 -13.11 -5.61 -15.59
C GLU A 272 -12.48 -4.42 -14.90
N ASP A 273 -12.59 -3.25 -15.52
CA ASP A 273 -12.16 -2.00 -14.88
C ASP A 273 -12.83 -0.86 -15.62
N LEU A 274 -12.51 0.37 -15.22
CA LEU A 274 -13.06 1.52 -15.92
C LEU A 274 -12.62 1.47 -17.39
N PRO A 275 -13.47 1.98 -18.30
CA PRO A 275 -13.11 1.96 -19.73
C PRO A 275 -11.75 2.57 -20.04
N ARG A 276 -11.40 3.68 -19.40
CA ARG A 276 -10.10 4.30 -19.67
C ARG A 276 -8.96 3.40 -19.23
N VAL A 277 -9.16 2.66 -18.13
CA VAL A 277 -8.17 1.71 -17.65
C VAL A 277 -8.06 0.53 -18.62
N ILE A 278 -9.20 0.00 -19.05
CA ILE A 278 -9.21 -1.11 -19.99
C ILE A 278 -8.53 -0.71 -21.30
N GLN A 279 -8.80 0.50 -21.78
CA GLN A 279 -8.18 0.95 -23.03
C GLN A 279 -6.66 0.96 -22.93
N VAL A 280 -6.13 1.33 -21.77
CA VAL A 280 -4.67 1.32 -21.58
C VAL A 280 -4.12 -0.09 -21.53
N VAL A 281 -4.89 -1.04 -20.98
CA VAL A 281 -4.49 -2.43 -21.04
C VAL A 281 -4.32 -2.87 -22.50
N LYS A 282 -5.30 -2.53 -23.33
CA LYS A 282 -5.25 -2.86 -24.75
C LYS A 282 -4.03 -2.26 -25.42
N ASP A 283 -3.79 -0.96 -25.21
CA ASP A 283 -2.72 -0.25 -25.91
C ASP A 283 -1.31 -0.63 -25.46
N THR A 284 -1.17 -1.37 -24.37
CA THR A 284 0.15 -1.70 -23.84
C THR A 284 0.38 -3.22 -23.79
N SER A 285 -0.31 -3.96 -24.64
CA SER A 285 -0.17 -5.42 -24.72
C SER A 285 0.43 -5.82 -26.07
N ASP A 286 1.36 -6.78 -26.02
CA ASP A 286 2.00 -7.29 -27.24
C ASP A 286 1.02 -8.13 -28.05
N ALA A 287 1.24 -8.15 -29.38
CA ALA A 287 0.21 -8.55 -30.33
C ALA A 287 -0.46 -9.88 -29.99
N GLY A 288 0.32 -10.94 -29.90
CA GLY A 288 -0.29 -12.25 -29.71
C GLY A 288 -0.26 -12.74 -28.28
N ALA A 289 -0.06 -11.84 -27.33
CA ALA A 289 0.00 -12.23 -25.93
C ALA A 289 -1.32 -12.88 -25.51
N GLN A 290 -1.24 -13.91 -24.66
CA GLN A 290 -2.44 -14.57 -24.18
C GLN A 290 -3.13 -13.68 -23.15
N ALA A 291 -4.43 -13.46 -23.31
CA ALA A 291 -5.11 -12.44 -22.53
C ALA A 291 -6.49 -12.92 -22.12
N PRO A 292 -7.01 -12.45 -20.99
CA PRO A 292 -8.42 -12.66 -20.67
C PRO A 292 -9.28 -11.71 -21.49
N GLN A 293 -10.60 -11.90 -21.38
CA GLN A 293 -11.51 -10.93 -21.95
C GLN A 293 -11.41 -9.61 -21.19
N LEU A 294 -11.56 -8.51 -21.93
CA LEU A 294 -11.43 -7.17 -21.37
C LEU A 294 -12.78 -6.47 -21.46
N LEU A 295 -13.26 -5.95 -20.33
CA LEU A 295 -14.59 -5.36 -20.24
C LEU A 295 -14.51 -4.07 -19.47
N GLY A 296 -14.73 -2.95 -20.15
CA GLY A 296 -14.85 -1.66 -19.47
C GLY A 296 -16.23 -1.55 -18.84
N MET A 297 -16.27 -1.08 -17.59
CA MET A 297 -17.50 -1.10 -16.82
C MET A 297 -17.34 -0.26 -15.56
N ASP A 298 -18.44 -0.10 -14.84
CA ASP A 298 -18.49 0.66 -13.60
C ASP A 298 -19.05 -0.29 -12.55
N PHE A 299 -18.24 -0.66 -11.56
CA PHE A 299 -18.74 -1.66 -10.61
C PHE A 299 -19.72 -1.07 -9.59
N ASN A 300 -20.07 0.20 -9.72
CA ASN A 300 -21.21 0.73 -8.98
C ASN A 300 -22.53 0.47 -9.69
N GLN A 301 -22.49 -0.11 -10.89
CA GLN A 301 -23.68 -0.47 -11.65
C GLN A 301 -23.72 -1.98 -11.90
N GLU A 302 -24.83 -2.42 -12.50
CA GLU A 302 -25.10 -3.85 -12.70
C GLU A 302 -23.88 -4.57 -13.25
N GLN A 303 -23.55 -5.70 -12.63
CA GLN A 303 -22.46 -6.54 -13.08
C GLN A 303 -22.82 -7.19 -14.40
N PRO A 304 -22.00 -7.05 -15.44
CA PRO A 304 -22.39 -7.57 -16.76
C PRO A 304 -22.18 -9.07 -16.95
N VAL A 305 -21.26 -9.68 -16.22
CA VAL A 305 -20.95 -11.10 -16.39
C VAL A 305 -21.71 -11.89 -15.32
N LYS A 306 -22.65 -12.73 -15.78
CA LYS A 306 -23.52 -13.47 -14.86
C LYS A 306 -23.03 -14.90 -14.70
N GLY A 307 -23.13 -15.42 -13.48
CA GLY A 307 -22.90 -16.83 -13.24
C GLY A 307 -21.47 -17.29 -13.33
N ALA A 308 -20.50 -16.38 -13.21
CA ALA A 308 -19.11 -16.82 -13.19
C ALA A 308 -18.87 -17.69 -11.96
N VAL A 309 -17.79 -18.47 -12.02
CA VAL A 309 -17.46 -19.33 -10.89
C VAL A 309 -16.92 -18.50 -9.73
N VAL A 310 -16.04 -17.54 -10.02
CA VAL A 310 -15.42 -16.71 -8.99
C VAL A 310 -15.49 -15.25 -9.44
N TYR A 311 -15.94 -14.38 -8.54
CA TYR A 311 -15.77 -12.94 -8.67
C TYR A 311 -14.72 -12.50 -7.65
N LEU A 312 -13.72 -11.78 -8.12
CA LEU A 312 -12.66 -11.26 -7.26
C LEU A 312 -12.77 -9.74 -7.22
N ILE A 313 -12.72 -9.16 -6.02
CA ILE A 313 -12.68 -7.71 -5.87
C ILE A 313 -11.58 -7.40 -4.87
N ARG A 314 -10.41 -7.03 -5.38
CA ARG A 314 -9.18 -6.93 -4.61
C ARG A 314 -8.80 -5.46 -4.48
N ARG A 315 -8.65 -4.99 -3.24
CA ARG A 315 -8.16 -3.64 -2.95
C ARG A 315 -9.04 -2.58 -3.61
N CYS A 316 -10.34 -2.83 -3.66
CA CYS A 316 -11.29 -1.83 -4.13
C CYS A 316 -12.17 -1.30 -3.01
N LEU A 317 -12.70 -2.18 -2.15
CA LEU A 317 -13.71 -1.75 -1.18
C LEU A 317 -13.15 -0.76 -0.16
N HIS A 318 -11.84 -0.79 0.09
CA HIS A 318 -11.30 0.10 1.13
C HIS A 318 -11.33 1.56 0.71
N ASP A 319 -11.64 1.86 -0.56
CA ASP A 319 -11.74 3.25 -0.97
C ASP A 319 -13.11 3.87 -0.67
N TYR A 320 -14.06 3.13 -0.11
CA TYR A 320 -15.47 3.57 -0.11
C TYR A 320 -16.14 3.38 1.24
N SER A 321 -17.23 4.13 1.43
CA SER A 321 -18.07 3.99 2.62
C SER A 321 -18.78 2.63 2.64
N ASP A 322 -19.29 2.28 3.82
CA ASP A 322 -20.11 1.07 3.95
C ASP A 322 -21.26 1.06 2.96
N GLU A 323 -21.94 2.19 2.80
CA GLU A 323 -23.13 2.20 1.94
C GLU A 323 -22.76 1.95 0.49
N GLN A 324 -21.67 2.55 0.03
CA GLN A 324 -21.24 2.33 -1.35
C GLN A 324 -20.75 0.90 -1.54
N CYS A 325 -20.01 0.36 -0.56
CA CYS A 325 -19.61 -1.05 -0.62
C CYS A 325 -20.80 -1.99 -0.70
N VAL A 326 -21.87 -1.68 0.03
CA VAL A 326 -23.05 -2.55 -0.05
C VAL A 326 -23.63 -2.51 -1.46
N ARG A 327 -23.64 -1.33 -2.08
CA ARG A 327 -24.13 -1.21 -3.45
C ARG A 327 -23.29 -2.06 -4.39
N ILE A 328 -21.97 -1.90 -4.33
CA ILE A 328 -21.05 -2.66 -5.18
C ILE A 328 -21.25 -4.17 -4.99
N LEU A 329 -21.24 -4.63 -3.75
CA LEU A 329 -21.36 -6.07 -3.49
C LEU A 329 -22.73 -6.59 -3.88
N GLY A 330 -23.78 -5.81 -3.70
CA GLY A 330 -25.11 -6.26 -4.09
C GLY A 330 -25.20 -6.57 -5.56
N HIS A 331 -24.51 -5.78 -6.39
CA HIS A 331 -24.49 -6.06 -7.83
C HIS A 331 -23.81 -7.38 -8.12
N LEU A 332 -22.74 -7.70 -7.38
CA LEU A 332 -22.05 -8.96 -7.60
C LEU A 332 -22.88 -10.13 -7.09
N ALA A 333 -23.51 -9.97 -5.91
CA ALA A 333 -24.42 -10.99 -5.40
C ALA A 333 -25.54 -11.30 -6.41
N ALA A 334 -26.07 -10.27 -7.06
CA ALA A 334 -27.17 -10.50 -7.99
C ALA A 334 -26.69 -11.30 -9.21
N ALA A 335 -25.47 -11.00 -9.69
CA ALA A 335 -24.93 -11.70 -10.84
C ALA A 335 -24.46 -13.11 -10.51
N MET A 336 -24.15 -13.37 -9.24
CA MET A 336 -23.62 -14.67 -8.84
C MET A 336 -24.68 -15.76 -8.94
N ALA A 337 -24.23 -16.99 -9.16
CA ALA A 337 -25.06 -18.18 -9.04
C ALA A 337 -24.87 -18.79 -7.64
N ALA A 338 -25.63 -19.85 -7.36
CA ALA A 338 -25.61 -20.44 -6.03
C ALA A 338 -24.27 -21.08 -5.69
N ASP A 339 -23.56 -21.62 -6.67
CA ASP A 339 -22.25 -22.19 -6.41
C ASP A 339 -21.10 -21.20 -6.62
N SER A 340 -21.40 -19.95 -6.94
CA SER A 340 -20.38 -18.92 -7.13
C SER A 340 -19.74 -18.54 -5.79
N VAL A 341 -18.52 -18.01 -5.89
CA VAL A 341 -17.80 -17.50 -4.73
C VAL A 341 -17.33 -16.08 -5.05
N LEU A 342 -17.42 -15.20 -4.06
CA LEU A 342 -16.86 -13.86 -4.14
C LEU A 342 -15.67 -13.77 -3.20
N LEU A 343 -14.53 -13.33 -3.72
CA LEU A 343 -13.32 -13.19 -2.93
C LEU A 343 -13.03 -11.70 -2.77
N ILE A 344 -13.06 -11.23 -1.53
CA ILE A 344 -12.69 -9.85 -1.21
C ILE A 344 -11.24 -9.85 -0.74
N GLY A 345 -10.38 -9.13 -1.46
CA GLY A 345 -8.97 -9.05 -1.10
C GLY A 345 -8.70 -7.74 -0.40
N GLU A 346 -8.54 -7.77 0.93
CA GLU A 346 -8.36 -6.56 1.72
C GLU A 346 -7.62 -6.92 2.99
N THR A 347 -6.96 -5.93 3.58
CA THR A 347 -6.59 -6.02 4.99
C THR A 347 -7.82 -6.28 5.85
N VAL A 348 -7.70 -7.19 6.79
CA VAL A 348 -8.71 -7.38 7.82
C VAL A 348 -8.10 -6.90 9.13
N LEU A 349 -8.52 -5.73 9.59
CA LEU A 349 -8.00 -5.19 10.84
C LEU A 349 -8.27 -6.14 12.00
N THR A 350 -7.26 -6.33 12.85
CA THR A 350 -7.53 -6.87 14.17
C THR A 350 -8.11 -5.77 15.05
N ASN A 351 -8.71 -6.16 16.16
CA ASN A 351 -9.25 -5.21 17.13
C ASN A 351 -8.52 -5.40 18.45
N PRO A 352 -7.54 -4.54 18.79
CA PRO A 352 -7.10 -3.36 18.04
C PRO A 352 -6.16 -3.71 16.87
N PRO A 353 -6.02 -2.78 15.92
CA PRO A 353 -5.21 -3.06 14.73
C PRO A 353 -3.71 -2.90 15.00
N SER A 354 -2.92 -3.48 14.09
CA SER A 354 -1.48 -3.30 14.07
C SER A 354 -1.11 -1.86 13.73
N ARG A 355 0.14 -1.49 14.05
CA ARG A 355 0.64 -0.17 13.72
C ARG A 355 0.52 0.15 12.23
N PRO A 356 0.99 -0.68 11.30
CA PRO A 356 0.92 -0.27 9.89
C PRO A 356 -0.49 -0.20 9.36
N THR A 357 -1.41 -1.05 9.82
CA THR A 357 -2.76 -0.99 9.29
C THR A 357 -3.55 0.17 9.88
N ALA A 358 -3.28 0.53 11.13
CA ALA A 358 -3.88 1.74 11.67
C ALA A 358 -3.36 2.96 10.96
N MET A 359 -2.05 2.98 10.66
CA MET A 359 -1.51 4.06 9.84
C MET A 359 -2.26 4.18 8.52
N MET A 360 -2.39 3.06 7.78
CA MET A 360 -3.06 3.10 6.48
C MET A 360 -4.52 3.49 6.63
N ASP A 361 -5.16 3.05 7.71
CA ASP A 361 -6.56 3.43 7.94
C ASP A 361 -6.73 4.95 7.92
N ILE A 362 -5.84 5.67 8.59
CA ILE A 362 -5.98 7.12 8.61
C ILE A 362 -5.54 7.72 7.27
N LEU A 363 -4.50 7.17 6.63
CA LEU A 363 -4.17 7.67 5.29
C LEU A 363 -5.37 7.51 4.35
N LEU A 364 -6.06 6.37 4.42
CA LEU A 364 -7.24 6.18 3.57
C LEU A 364 -8.34 7.20 3.90
N ALA A 365 -8.49 7.58 5.17
CA ALA A 365 -9.45 8.62 5.51
C ALA A 365 -9.22 9.90 4.71
N THR A 366 -7.95 10.25 4.44
CA THR A 366 -7.69 11.49 3.69
C THR A 366 -8.23 11.45 2.27
N ILE A 367 -8.55 10.26 1.73
CA ILE A 367 -9.09 10.12 0.38
C ILE A 367 -10.50 9.53 0.39
N GLY A 368 -11.11 9.39 1.56
CA GLY A 368 -12.49 8.95 1.63
C GLY A 368 -12.66 7.47 1.86
N GLY A 369 -11.63 6.77 2.32
CA GLY A 369 -11.75 5.33 2.52
C GLY A 369 -11.46 4.91 3.96
N LYS A 370 -11.36 3.60 4.18
CA LYS A 370 -11.06 3.06 5.49
C LYS A 370 -10.67 1.59 5.36
N GLU A 371 -9.92 1.12 6.35
CA GLU A 371 -9.75 -0.30 6.61
C GLU A 371 -10.85 -0.79 7.55
N ARG A 372 -11.06 -2.10 7.57
CA ARG A 372 -12.18 -2.71 8.28
C ARG A 372 -11.79 -3.97 9.03
N THR A 373 -12.39 -4.18 10.20
CA THR A 373 -12.37 -5.45 10.90
C THR A 373 -13.23 -6.48 10.17
N ILE A 374 -13.10 -7.74 10.59
CA ILE A 374 -13.96 -8.77 10.01
C ILE A 374 -15.41 -8.54 10.40
N ASP A 375 -15.66 -7.90 11.54
CA ASP A 375 -17.04 -7.57 11.91
C ASP A 375 -17.64 -6.53 10.97
N ALA A 376 -16.83 -5.54 10.59
CA ALA A 376 -17.31 -4.50 9.67
C ALA A 376 -17.54 -5.07 8.28
N PHE A 377 -16.64 -5.95 7.82
CA PHE A 377 -16.88 -6.65 6.56
C PHE A 377 -18.14 -7.52 6.63
N GLY A 378 -18.36 -8.19 7.77
CA GLY A 378 -19.54 -9.03 7.89
C GLY A 378 -20.82 -8.24 7.76
N ALA A 379 -20.85 -7.03 8.34
CA ALA A 379 -22.05 -6.21 8.26
C ALA A 379 -22.34 -5.82 6.82
N VAL A 380 -21.31 -5.40 6.10
CA VAL A 380 -21.46 -4.96 4.71
C VAL A 380 -21.81 -6.16 3.82
N VAL A 381 -21.12 -7.29 3.99
CA VAL A 381 -21.40 -8.49 3.20
C VAL A 381 -22.83 -8.96 3.41
N GLY A 382 -23.31 -8.97 4.66
CA GLY A 382 -24.67 -9.44 4.92
C GLY A 382 -25.72 -8.53 4.32
N ARG A 383 -25.49 -7.21 4.38
CA ARG A 383 -26.40 -6.25 3.78
C ARG A 383 -26.50 -6.42 2.28
N ALA A 384 -25.45 -6.92 1.65
CA ALA A 384 -25.50 -7.19 0.22
C ALA A 384 -26.07 -8.57 -0.11
N GLY A 385 -26.60 -9.28 0.88
CA GLY A 385 -27.18 -10.59 0.61
C GLY A 385 -26.15 -11.68 0.44
N LEU A 386 -24.99 -11.53 1.08
CA LEU A 386 -23.92 -12.50 1.04
C LEU A 386 -23.65 -12.97 2.46
N ARG A 387 -22.86 -14.04 2.60
CA ARG A 387 -22.37 -14.45 3.90
C ARG A 387 -20.91 -14.87 3.78
N ILE A 388 -20.15 -14.63 4.84
CA ILE A 388 -18.73 -14.99 4.87
C ILE A 388 -18.61 -16.47 5.19
N LYS A 389 -18.03 -17.23 4.27
CA LYS A 389 -17.81 -18.67 4.43
C LYS A 389 -16.43 -18.97 5.03
N GLY A 390 -15.45 -18.12 4.77
CA GLY A 390 -14.12 -18.35 5.30
C GLY A 390 -13.21 -17.17 4.99
N VAL A 391 -12.05 -17.17 5.64
CA VAL A 391 -11.02 -16.14 5.45
C VAL A 391 -9.67 -16.84 5.39
N CYS A 392 -8.91 -16.55 4.35
CA CYS A 392 -7.49 -16.91 4.29
C CYS A 392 -6.67 -15.66 4.56
N LYS A 393 -5.90 -15.68 5.66
CA LYS A 393 -5.05 -14.57 6.07
C LYS A 393 -3.59 -14.88 5.71
N GLN A 394 -2.97 -13.95 5.00
CA GLN A 394 -1.54 -14.03 4.69
C GLN A 394 -0.72 -14.32 5.95
N GLU A 395 0.35 -15.07 5.80
CA GLU A 395 1.28 -15.22 6.91
C GLU A 395 2.00 -13.90 7.13
N GLY A 396 2.17 -13.52 8.40
CA GLY A 396 2.95 -12.35 8.72
C GLY A 396 2.28 -11.03 8.46
N GLY A 397 0.97 -11.01 8.22
CA GLY A 397 0.27 -9.76 8.03
C GLY A 397 -1.23 -9.95 8.15
N ASP A 398 -1.97 -8.90 7.80
CA ASP A 398 -3.42 -8.93 7.92
C ASP A 398 -4.14 -8.89 6.58
N PHE A 399 -3.44 -8.81 5.46
CA PHE A 399 -4.12 -8.84 4.17
C PHE A 399 -4.70 -10.23 3.94
N SER A 400 -5.97 -10.28 3.59
CA SER A 400 -6.71 -11.54 3.58
C SER A 400 -7.56 -11.60 2.33
N TYR A 401 -8.01 -12.82 2.03
CA TYR A 401 -9.05 -13.03 1.04
C TYR A 401 -10.27 -13.55 1.78
N ILE A 402 -11.35 -12.79 1.73
CA ILE A 402 -12.59 -13.13 2.41
C ILE A 402 -13.49 -13.84 1.41
N GLU A 403 -13.79 -15.10 1.67
CA GLU A 403 -14.59 -15.91 0.76
C GLU A 403 -16.06 -15.80 1.13
N CYS A 404 -16.85 -15.26 0.20
CA CYS A 404 -18.26 -15.02 0.44
C CYS A 404 -19.11 -15.79 -0.56
N VAL A 405 -20.32 -16.16 -0.13
CA VAL A 405 -21.28 -16.85 -0.99
C VAL A 405 -22.65 -16.20 -0.81
N LYS A 406 -23.52 -16.43 -1.79
CA LYS A 406 -24.88 -15.90 -1.71
C LYS A 406 -25.55 -16.41 -0.45
N ALA A 407 -26.29 -15.53 0.22
CA ALA A 407 -26.98 -15.92 1.44
C ALA A 407 -28.22 -16.78 1.14
N SAM B . -7.52 -5.05 -8.06
CA SAM B . -6.25 -4.51 -8.53
C SAM B . -5.10 -4.92 -7.61
O SAM B . -3.96 -4.48 -7.76
OXT SAM B . -5.31 -5.70 -6.68
CB SAM B . -6.29 -2.99 -8.64
CG SAM B . -6.80 -2.27 -7.40
SD SAM B . -6.74 -0.45 -7.57
CE SAM B . -6.47 -0.05 -5.84
C5' SAM B . -8.52 -0.11 -7.70
C4' SAM B . -9.03 -0.38 -9.12
O4' SAM B . -10.43 -0.17 -9.19
C3' SAM B . -8.39 0.57 -10.12
O3' SAM B . -7.86 -0.18 -11.18
C2' SAM B . -9.53 1.46 -10.61
O2' SAM B . -9.43 1.79 -11.98
C1' SAM B . -10.72 0.55 -10.37
N9 SAM B . -12.01 1.28 -10.24
C8 SAM B . -12.27 2.42 -9.50
N7 SAM B . -13.58 2.73 -9.66
C5 SAM B . -14.14 1.80 -10.49
C6 SAM B . -15.42 1.64 -10.97
N6 SAM B . -16.38 2.49 -10.62
N1 SAM B . -15.70 0.59 -11.82
C2 SAM B . -14.71 -0.31 -12.17
N3 SAM B . -13.43 -0.15 -11.68
C4 SAM B . -13.15 0.90 -10.85
C1 EDO C . -22.68 -11.85 6.85
O1 EDO C . -22.78 -11.02 8.01
C2 EDO C . -21.28 -12.43 6.83
O2 EDO C . -21.31 -13.80 7.29
C1 EDO D . 27.29 28.33 -4.13
O1 EDO D . 25.98 28.34 -4.74
C2 EDO D . 27.77 26.88 -4.05
O2 EDO D . 28.26 26.62 -2.72
C1 EDO E . -10.86 -20.06 8.29
O1 EDO E . -11.90 -19.33 7.60
C2 EDO E . -11.10 -21.55 8.06
O2 EDO E . -12.49 -21.84 8.26
C1 EDO F . -5.96 2.12 -3.29
O1 EDO F . -6.22 2.96 -2.16
C2 EDO F . -4.74 1.22 -3.09
O2 EDO F . -5.09 -0.17 -3.05
C1 EDO G . -1.57 -25.12 -17.77
O1 EDO G . -2.15 -26.42 -17.94
C2 EDO G . -2.17 -24.42 -16.57
O2 EDO G . -3.20 -23.49 -16.94
C01 IAH H . -4.51 -2.11 0.74
C02 IAH H . -4.90 -0.95 1.40
C03 IAH H . -4.27 0.28 1.08
C04 IAH H . -3.26 0.34 0.10
C05 IAH H . -2.87 -0.82 -0.57
C06 IAH H . -3.49 -2.05 -0.26
C08 IAH H . -2.64 1.72 -0.18
C09 IAH H . -3.45 2.80 -0.58
C11 IAH H . -1.55 4.22 -0.64
C12 IAH H . -0.71 3.13 -0.23
C13 IAH H . -1.28 1.90 0.00
C16 IAH H . 0.83 3.25 0.02
C17 IAH H . 1.56 4.62 0.09
C19 IAH H . 2.18 4.98 -1.28
C20 IAH H . 3.18 6.09 -1.16
C21 IAH H . 3.81 6.39 -0.01
C22 IAH H . 3.24 5.98 1.33
C23 IAH H . 2.58 4.61 1.21
C24 IAH H . 4.39 5.89 2.35
C25 IAH H . 4.33 4.60 3.20
C26 IAH H . 2.92 4.38 3.72
C27 IAH H . 1.89 4.33 2.56
C28 IAH H . 2.85 3.73 -1.96
N10 IAH H . -2.90 4.03 -0.82
O07 IAH H . -5.13 -3.35 1.07
O14 IAH H . -1.12 5.29 -0.86
O15 IAH H . -0.48 0.83 0.42
O18 IAH H . 1.43 2.27 0.27
C1 GOL I . -15.55 1.05 14.63
O1 GOL I . -16.86 1.43 15.01
C2 GOL I . -15.21 1.73 13.28
O2 GOL I . -16.24 1.63 12.30
C3 GOL I . -13.82 1.11 12.89
O3 GOL I . -13.63 1.26 11.52
C1 EDO J . -15.18 -15.31 9.27
O1 EDO J . -16.25 -14.98 10.17
C2 EDO J . -15.06 -16.82 9.07
O2 EDO J . -16.35 -17.44 9.03
#